data_9F22
#
_entry.id   9F22
#
_cell.length_a   77.039
_cell.length_b   77.039
_cell.length_c   152.473
_cell.angle_alpha   90.00
_cell.angle_beta   90.00
_cell.angle_gamma   120.00
#
_symmetry.space_group_name_H-M   'P 32 2 1'
#
loop_
_entity.id
_entity.type
_entity.pdbx_description
1 polymer 'Green fluorescent protein'
2 polymer 'DARPin DP1'
3 non-polymer 1,2-ETHANEDIOL
4 non-polymer 'BROMIDE ION'
5 water water
#
loop_
_entity_poly.entity_id
_entity_poly.type
_entity_poly.pdbx_seq_one_letter_code
_entity_poly.pdbx_strand_id
1 'polypeptide(L)'
;SSMVSKGEELFTGVVPILVELDGDVNGHKFSVSGEGEGDATYGKLTLKFICTTGKLPVPWPTLVTTL(CRO)VQCFSRYP
DHMKQHDFFKSAMPEGYVQERTIFFKDDGNYKTRAEVKFEGDTLVNRIELKGIDFKEDGNILGHKLEYNYNSHNVYIMAD
KQKNGIKVNFKIRHNIEDGSVQLADHYQQNTPIGDGPVLLPDNHYLSTQSALSKDPNEKRDHMVLLEFVTAAGITLGMDE
LYK
;
A
2 'polypeptide(L)'
;GSDLGKKLLEAARAGQDDEVRILMANGADVNANDVHGSTPLHLAALIGHLEIVEVLLKYGADVNATDIWGNTPLHLAARD
GHLEIVEVLLKYGADVNADDTWGSTPLHLAAMDGHLEIVEVLLKYGADVNAQDKFGKTAFDISIDNGNEDLAEILQ
;
B
#
loop_
_chem_comp.id
_chem_comp.type
_chem_comp.name
_chem_comp.formula
BR non-polymer 'BROMIDE ION' 'Br -1'
EDO non-polymer 1,2-ETHANEDIOL 'C2 H6 O2'
#
# COMPACT_ATOMS: atom_id res chain seq x y z
N SER A 2 10.21 -14.56 7.44
CA SER A 2 11.31 -15.55 7.64
C SER A 2 12.30 -15.54 6.47
N MET A 3 11.85 -15.85 5.26
CA MET A 3 12.69 -15.72 4.07
C MET A 3 12.93 -14.24 3.77
N VAL A 4 14.15 -13.88 3.32
CA VAL A 4 14.40 -12.59 2.69
C VAL A 4 15.20 -12.81 1.41
N SER A 5 14.52 -12.76 0.27
CA SER A 5 15.14 -12.97 -1.03
C SER A 5 16.11 -11.82 -1.32
N LYS A 6 16.94 -11.97 -2.36
CA LYS A 6 17.80 -10.89 -2.84
C LYS A 6 16.95 -9.64 -3.14
N GLY A 7 15.81 -9.81 -3.82
CA GLY A 7 14.98 -8.69 -4.22
C GLY A 7 14.25 -8.02 -3.05
N GLU A 8 13.80 -8.82 -2.08
CA GLU A 8 13.21 -8.29 -0.87
C GLU A 8 14.17 -7.37 -0.09
N GLU A 9 15.47 -7.69 -0.04
CA GLU A 9 16.45 -6.86 0.65
C GLU A 9 16.38 -5.42 0.16
N LEU A 10 16.01 -5.21 -1.11
CA LEU A 10 16.02 -3.88 -1.72
C LEU A 10 14.85 -3.00 -1.23
N PHE A 11 13.86 -3.59 -0.54
CA PHE A 11 12.68 -2.86 -0.09
C PHE A 11 12.57 -2.72 1.43
N THR A 12 13.66 -2.94 2.17
CA THR A 12 13.64 -2.76 3.62
C THR A 12 13.46 -1.30 4.00
N GLY A 13 13.97 -0.37 3.16
CA GLY A 13 13.87 1.06 3.41
C GLY A 13 12.78 1.71 2.55
N VAL A 14 12.77 3.03 2.54
CA VAL A 14 11.97 3.82 1.62
C VAL A 14 12.68 3.84 0.28
N VAL A 15 11.96 3.59 -0.82
CA VAL A 15 12.56 3.46 -2.14
C VAL A 15 12.03 4.55 -3.08
N PRO A 16 12.88 5.35 -3.76
CA PRO A 16 12.40 6.34 -4.73
C PRO A 16 11.74 5.63 -5.91
N ILE A 17 10.67 6.23 -6.45
CA ILE A 17 9.99 5.65 -7.61
C ILE A 17 10.00 6.65 -8.75
N LEU A 18 10.11 6.13 -9.99
CA LEU A 18 9.89 6.90 -11.20
C LEU A 18 8.93 6.17 -12.13
N VAL A 19 7.95 6.90 -12.68
CA VAL A 19 7.01 6.35 -13.63
C VAL A 19 7.01 7.19 -14.91
N GLU A 20 7.16 6.52 -16.05
CA GLU A 20 7.05 7.14 -17.36
C GLU A 20 6.03 6.35 -18.18
N LEU A 21 5.03 7.06 -18.73
CA LEU A 21 3.99 6.46 -19.56
C LEU A 21 3.90 7.21 -20.88
N ASP A 22 3.92 6.44 -21.96
CA ASP A 22 3.69 6.91 -23.32
C ASP A 22 2.32 6.37 -23.75
N GLY A 23 1.38 7.27 -24.02
CA GLY A 23 0.00 6.91 -24.31
C GLY A 23 -0.49 7.39 -25.68
N ASP A 24 -1.52 6.70 -26.16
CA ASP A 24 -2.22 6.97 -27.41
C ASP A 24 -3.64 6.41 -27.28
N VAL A 25 -4.65 7.28 -27.24
CA VAL A 25 -6.03 6.85 -27.07
C VAL A 25 -6.91 7.45 -28.15
N ASN A 26 -7.44 6.59 -29.04
CA ASN A 26 -8.25 7.06 -30.17
C ASN A 26 -7.40 8.05 -30.97
N GLY A 27 -6.08 7.82 -31.02
CA GLY A 27 -5.15 8.70 -31.76
C GLY A 27 -4.62 9.90 -30.95
N HIS A 28 -5.19 10.19 -29.76
CA HIS A 28 -4.70 11.30 -28.94
C HIS A 28 -3.43 10.88 -28.19
N LYS A 29 -2.28 11.43 -28.60
CA LYS A 29 -0.98 11.20 -27.98
C LYS A 29 -0.86 12.01 -26.68
N PHE A 30 -0.21 11.41 -25.69
CA PHE A 30 0.07 12.08 -24.42
C PHE A 30 1.14 11.30 -23.67
N SER A 31 1.74 11.98 -22.70
CA SER A 31 2.78 11.44 -21.84
C SER A 31 2.52 11.88 -20.42
N VAL A 32 2.87 10.98 -19.50
CA VAL A 32 2.70 11.23 -18.08
C VAL A 32 4.02 10.82 -17.45
N SER A 33 4.48 11.65 -16.51
CA SER A 33 5.64 11.30 -15.71
C SER A 33 5.26 11.42 -14.25
N GLY A 34 5.81 10.49 -13.43
CA GLY A 34 5.51 10.46 -12.01
C GLY A 34 6.76 10.23 -11.16
N GLU A 35 6.71 10.74 -9.93
CA GLU A 35 7.82 10.65 -9.01
C GLU A 35 7.27 10.45 -7.61
N GLY A 36 8.05 9.80 -6.76
CA GLY A 36 7.77 9.77 -5.34
C GLY A 36 8.50 8.62 -4.70
N GLU A 37 7.81 7.88 -3.81
CA GLU A 37 8.48 6.82 -3.08
C GLU A 37 7.46 5.86 -2.51
N GLY A 38 8.00 4.69 -2.14
CA GLY A 38 7.19 3.65 -1.54
C GLY A 38 7.95 3.02 -0.39
N ASP A 39 7.17 2.45 0.51
CA ASP A 39 7.65 1.91 1.75
C ASP A 39 6.87 0.61 1.92
N ALA A 40 7.53 -0.51 1.57
CA ALA A 40 6.82 -1.77 1.50
C ALA A 40 6.60 -2.35 2.90
N THR A 41 7.39 -1.93 3.90
CA THR A 41 7.19 -2.39 5.27
C THR A 41 5.91 -1.79 5.84
N TYR A 42 5.67 -0.52 5.54
CA TYR A 42 4.45 0.13 5.98
C TYR A 42 3.32 -0.38 5.07
N GLY A 43 3.63 -0.46 3.78
CA GLY A 43 2.69 -0.77 2.72
C GLY A 43 2.16 0.48 1.99
N LYS A 44 2.97 1.54 1.83
CA LYS A 44 2.44 2.77 1.28
C LYS A 44 3.20 3.27 0.05
N LEU A 45 2.48 4.04 -0.79
CA LEU A 45 2.98 4.73 -1.96
C LEU A 45 2.64 6.19 -1.82
N THR A 46 3.57 7.05 -2.24
CA THR A 46 3.37 8.48 -2.33
C THR A 46 3.91 8.95 -3.67
N LEU A 47 3.00 9.32 -4.56
CA LEU A 47 3.34 9.60 -5.94
C LEU A 47 2.63 10.86 -6.42
N LYS A 48 3.34 11.61 -7.26
CA LYS A 48 2.73 12.69 -8.01
C LYS A 48 3.00 12.48 -9.49
N PHE A 49 1.93 12.57 -10.30
CA PHE A 49 1.98 12.37 -11.75
C PHE A 49 1.60 13.66 -12.48
N ILE A 50 2.28 13.91 -13.59
CA ILE A 50 2.05 15.10 -14.41
C ILE A 50 1.87 14.70 -15.86
N CYS A 51 0.88 15.28 -16.53
CA CYS A 51 0.82 15.20 -17.97
C CYS A 51 1.76 16.27 -18.55
N THR A 52 2.78 15.83 -19.30
CA THR A 52 3.82 16.71 -19.80
C THR A 52 3.47 17.24 -21.19
N THR A 53 2.39 16.71 -21.81
CA THR A 53 1.99 17.07 -23.16
C THR A 53 0.93 18.15 -23.17
N GLY A 54 0.45 18.56 -21.98
CA GLY A 54 -0.66 19.49 -21.89
C GLY A 54 -1.80 18.86 -21.08
N LYS A 55 -2.99 18.79 -21.69
CA LYS A 55 -4.17 18.27 -21.00
C LYS A 55 -4.32 16.77 -21.24
N LEU A 56 -4.66 16.04 -20.17
CA LEU A 56 -4.84 14.61 -20.24
C LEU A 56 -6.15 14.33 -20.98
N PRO A 57 -6.09 13.56 -22.10
CA PRO A 57 -7.28 13.25 -22.89
C PRO A 57 -8.21 12.19 -22.29
N VAL A 58 -7.81 11.59 -21.15
CA VAL A 58 -8.65 10.65 -20.42
C VAL A 58 -8.68 11.05 -18.95
N PRO A 59 -9.65 10.53 -18.15
CA PRO A 59 -9.68 10.79 -16.72
C PRO A 59 -8.49 10.13 -16.02
N TRP A 60 -7.90 10.85 -15.07
CA TRP A 60 -6.84 10.32 -14.24
C TRP A 60 -7.20 8.98 -13.58
N PRO A 61 -8.40 8.80 -12.98
CA PRO A 61 -8.75 7.52 -12.34
C PRO A 61 -8.62 6.30 -13.27
N THR A 62 -8.85 6.50 -14.58
CA THR A 62 -8.69 5.40 -15.53
C THR A 62 -7.24 4.92 -15.63
N LEU A 63 -6.28 5.73 -15.16
CA LEU A 63 -4.86 5.44 -15.31
C LEU A 63 -4.21 4.83 -14.06
N VAL A 64 -4.90 4.90 -12.92
CA VAL A 64 -4.33 4.53 -11.64
C VAL A 64 -3.77 3.12 -11.69
N THR A 65 -4.54 2.13 -12.16
CA THR A 65 -4.02 0.76 -12.18
C THR A 65 -2.79 0.61 -13.07
N THR A 66 -2.72 1.39 -14.14
CA THR A 66 -1.59 1.34 -15.04
C THR A 66 -0.33 1.97 -14.41
N LEU A 67 -0.48 3.15 -13.78
CA LEU A 67 0.65 3.88 -13.22
C LEU A 67 1.15 3.25 -11.90
N1 CRO A 68 0.21 2.53 -11.03
CA1 CRO A 68 0.52 1.83 -9.79
CB1 CRO A 68 0.01 2.68 -8.62
CG1 CRO A 68 0.51 4.08 -8.84
OG1 CRO A 68 -1.41 2.77 -8.53
C1 CRO A 68 -0.08 0.48 -9.89
N2 CRO A 68 -1.19 0.14 -9.29
N3 CRO A 68 0.43 -0.53 -10.69
C2 CRO A 68 -0.37 -1.63 -10.56
O2 CRO A 68 -0.19 -2.66 -11.19
CA2 CRO A 68 -1.39 -1.22 -9.56
CA3 CRO A 68 1.58 -0.44 -11.57
C3 CRO A 68 2.87 -0.94 -10.94
O3 CRO A 68 3.76 -1.41 -11.63
CB2 CRO A 68 -2.35 -2.04 -9.07
CG2 CRO A 68 -3.63 -1.68 -8.47
CD1 CRO A 68 -4.67 -2.61 -8.39
CD2 CRO A 68 -3.94 -0.36 -8.12
CE1 CRO A 68 -5.90 -2.30 -7.83
CE2 CRO A 68 -5.19 -0.01 -7.62
CZ CRO A 68 -6.16 -0.99 -7.40
OH CRO A 68 -7.40 -0.66 -6.85
N VAL A 69 2.96 -0.82 -9.60
CA VAL A 69 4.16 -1.22 -8.87
C VAL A 69 3.75 -2.00 -7.61
N GLN A 70 3.21 -3.18 -7.84
CA GLN A 70 2.70 -4.02 -6.76
C GLN A 70 3.84 -4.61 -5.92
N CYS A 71 5.11 -4.32 -6.26
CA CYS A 71 6.24 -4.68 -5.39
C CYS A 71 6.25 -3.83 -4.11
N PHE A 72 5.38 -2.83 -3.96
CA PHE A 72 5.34 -2.06 -2.72
C PHE A 72 4.25 -2.55 -1.76
N SER A 73 3.59 -3.65 -2.08
CA SER A 73 2.65 -4.27 -1.14
C SER A 73 3.35 -4.78 0.11
N ARG A 74 2.68 -4.64 1.25
CA ARG A 74 3.18 -5.24 2.48
C ARG A 74 2.72 -6.70 2.57
N TYR A 75 3.68 -7.62 2.70
CA TYR A 75 3.40 -9.03 2.92
C TYR A 75 3.73 -9.40 4.35
N PRO A 76 2.87 -10.16 5.05
CA PRO A 76 3.21 -10.67 6.37
C PRO A 76 4.42 -11.60 6.30
N ASP A 77 5.09 -11.78 7.45
CA ASP A 77 6.28 -12.61 7.59
C ASP A 77 6.08 -14.02 7.01
N HIS A 78 4.93 -14.63 7.28
CA HIS A 78 4.66 -16.01 6.90
C HIS A 78 4.38 -16.14 5.39
N MET A 79 4.34 -15.02 4.68
CA MET A 79 4.01 -15.02 3.25
C MET A 79 5.14 -14.43 2.40
N LYS A 80 6.31 -14.18 2.98
CA LYS A 80 7.36 -13.52 2.21
C LYS A 80 7.83 -14.34 1.01
N GLN A 81 7.74 -15.67 1.08
CA GLN A 81 8.17 -16.50 -0.04
C GLN A 81 7.18 -16.42 -1.21
N HIS A 82 6.03 -15.72 -1.03
CA HIS A 82 5.01 -15.63 -2.06
C HIS A 82 5.00 -14.27 -2.76
N ASP A 83 6.03 -13.46 -2.54
CA ASP A 83 6.05 -12.10 -3.06
C ASP A 83 6.90 -12.07 -4.34
N PHE A 84 6.28 -12.56 -5.41
CA PHE A 84 6.85 -12.64 -6.74
C PHE A 84 7.43 -11.29 -7.17
N PHE A 85 6.72 -10.20 -6.87
CA PHE A 85 7.07 -8.91 -7.42
C PHE A 85 8.43 -8.44 -6.91
N LYS A 86 8.61 -8.45 -5.60
CA LYS A 86 9.88 -8.03 -5.03
C LYS A 86 10.98 -9.04 -5.36
N SER A 87 10.65 -10.33 -5.36
CA SER A 87 11.63 -11.35 -5.64
C SER A 87 12.10 -11.36 -7.10
N ALA A 88 11.42 -10.65 -8.00
CA ALA A 88 11.88 -10.51 -9.38
C ALA A 88 12.97 -9.43 -9.53
N MET A 89 13.17 -8.62 -8.47
CA MET A 89 14.06 -7.49 -8.53
C MET A 89 15.47 -7.95 -8.20
N PRO A 90 16.54 -7.28 -8.68
CA PRO A 90 16.43 -6.00 -9.40
C PRO A 90 16.10 -5.97 -10.88
N GLU A 91 16.30 -7.09 -11.60
CA GLU A 91 16.15 -7.10 -13.04
C GLU A 91 14.69 -6.96 -13.44
N GLY A 92 13.73 -7.38 -12.59
CA GLY A 92 12.36 -6.88 -12.69
C GLY A 92 11.40 -7.81 -13.45
N TYR A 93 10.23 -7.28 -13.84
CA TYR A 93 9.18 -8.03 -14.52
C TYR A 93 8.47 -7.16 -15.55
N VAL A 94 7.93 -7.85 -16.58
CA VAL A 94 6.99 -7.29 -17.54
C VAL A 94 5.56 -7.41 -16.99
N GLN A 95 4.79 -6.33 -17.11
CA GLN A 95 3.39 -6.35 -16.75
C GLN A 95 2.59 -5.92 -17.97
N GLU A 96 1.64 -6.78 -18.35
CA GLU A 96 0.78 -6.62 -19.50
C GLU A 96 -0.68 -6.61 -19.05
N ARG A 97 -1.45 -5.65 -19.55
CA ARG A 97 -2.88 -5.64 -19.27
C ARG A 97 -3.69 -5.30 -20.51
N THR A 98 -4.90 -5.85 -20.55
CA THR A 98 -5.96 -5.31 -21.37
C THR A 98 -7.06 -4.88 -20.40
N ILE A 99 -7.54 -3.66 -20.56
CA ILE A 99 -8.60 -3.14 -19.69
C ILE A 99 -9.80 -2.82 -20.57
N PHE A 100 -10.89 -3.54 -20.35
CA PHE A 100 -12.13 -3.31 -21.09
C PHE A 100 -13.09 -2.44 -20.29
N PHE A 101 -13.37 -1.25 -20.81
CA PHE A 101 -14.40 -0.38 -20.26
C PHE A 101 -15.73 -0.82 -20.84
N LYS A 102 -16.68 -1.16 -19.96
CA LYS A 102 -17.93 -1.68 -20.47
C LYS A 102 -18.68 -0.56 -21.20
N ASP A 103 -19.19 -0.94 -22.39
CA ASP A 103 -19.93 -0.10 -23.33
C ASP A 103 -19.05 1.01 -23.91
N ASP A 104 -17.73 0.76 -23.96
CA ASP A 104 -16.78 1.78 -24.38
C ASP A 104 -15.50 1.07 -24.88
N GLY A 105 -14.40 1.80 -25.05
CA GLY A 105 -13.18 1.24 -25.65
C GLY A 105 -12.35 0.37 -24.69
N ASN A 106 -11.08 0.13 -25.06
CA ASN A 106 -10.17 -0.64 -24.21
C ASN A 106 -8.75 -0.10 -24.28
N TYR A 107 -8.03 -0.28 -23.16
CA TYR A 107 -6.60 -0.03 -23.08
C TYR A 107 -5.81 -1.33 -23.17
N LYS A 108 -4.68 -1.27 -23.88
CA LYS A 108 -3.67 -2.31 -23.82
C LYS A 108 -2.36 -1.69 -23.34
N THR A 109 -1.78 -2.31 -22.30
CA THR A 109 -0.58 -1.76 -21.69
C THR A 109 0.49 -2.84 -21.66
N ARG A 110 1.72 -2.39 -21.90
CA ARG A 110 2.93 -3.17 -21.64
C ARG A 110 3.87 -2.28 -20.84
N ALA A 111 4.39 -2.83 -19.74
CA ALA A 111 5.24 -2.12 -18.82
C ALA A 111 6.40 -3.00 -18.37
N GLU A 112 7.53 -2.34 -18.09
CA GLU A 112 8.68 -2.96 -17.44
C GLU A 112 8.89 -2.28 -16.10
N VAL A 113 8.90 -3.07 -15.03
CA VAL A 113 9.17 -2.59 -13.69
C VAL A 113 10.50 -3.20 -13.25
N LYS A 114 11.50 -2.35 -13.00
CA LYS A 114 12.80 -2.80 -12.56
C LYS A 114 13.53 -1.66 -11.86
N PHE A 115 14.65 -2.02 -11.24
CA PHE A 115 15.55 -1.06 -10.63
C PHE A 115 16.47 -0.47 -11.68
N GLU A 116 16.63 0.85 -11.62
CA GLU A 116 17.65 1.56 -12.38
C GLU A 116 18.44 2.38 -11.37
N GLY A 117 19.63 1.87 -11.02
CA GLY A 117 20.34 2.28 -9.83
C GLY A 117 19.54 1.93 -8.57
N ASP A 118 19.25 2.97 -7.78
CA ASP A 118 18.59 2.86 -6.48
C ASP A 118 17.08 3.13 -6.59
N THR A 119 16.58 3.40 -7.81
CA THR A 119 15.23 3.87 -8.05
C THR A 119 14.43 2.78 -8.77
N LEU A 120 13.19 2.58 -8.30
CA LEU A 120 12.29 1.61 -8.90
C LEU A 120 11.51 2.33 -9.98
N VAL A 121 11.61 1.82 -11.22
CA VAL A 121 11.10 2.53 -12.37
C VAL A 121 10.08 1.69 -13.11
N ASN A 122 8.87 2.25 -13.31
CA ASN A 122 7.79 1.67 -14.10
C ASN A 122 7.69 2.41 -15.45
N ARG A 123 8.15 1.80 -16.55
CA ARG A 123 8.01 2.39 -17.88
C ARG A 123 6.90 1.71 -18.67
N ILE A 124 5.94 2.52 -19.14
CA ILE A 124 4.69 2.00 -19.69
C ILE A 124 4.50 2.49 -21.12
N GLU A 125 4.02 1.58 -21.97
CA GLU A 125 3.39 1.95 -23.21
C GLU A 125 1.90 1.66 -23.09
N LEU A 126 1.03 2.59 -23.50
CA LEU A 126 -0.42 2.37 -23.48
C LEU A 126 -1.06 2.68 -24.83
N LYS A 127 -2.02 1.83 -25.26
CA LYS A 127 -2.81 2.05 -26.47
C LYS A 127 -4.30 1.92 -26.16
N GLY A 128 -5.07 2.96 -26.47
CA GLY A 128 -6.52 2.91 -26.35
C GLY A 128 -7.19 2.97 -27.72
N ILE A 129 -8.30 2.23 -27.84
CA ILE A 129 -9.10 2.21 -29.07
C ILE A 129 -10.59 2.05 -28.77
N ASP A 130 -11.41 2.49 -29.74
CA ASP A 130 -12.84 2.22 -29.85
C ASP A 130 -13.60 2.91 -28.71
N PHE A 131 -13.08 4.09 -28.31
CA PHE A 131 -13.72 4.90 -27.29
C PHE A 131 -14.72 5.84 -27.97
N LYS A 132 -15.96 5.83 -27.44
CA LYS A 132 -17.02 6.71 -27.89
C LYS A 132 -16.68 8.13 -27.43
N GLU A 133 -16.84 9.10 -28.35
CA GLU A 133 -16.46 10.49 -28.11
C GLU A 133 -17.45 11.11 -27.09
N ASP A 134 -18.69 10.56 -27.19
CA ASP A 134 -19.80 10.80 -26.27
C ASP A 134 -19.41 10.45 -24.83
N GLY A 135 -18.68 9.33 -24.65
CA GLY A 135 -18.79 8.49 -23.46
C GLY A 135 -18.10 9.05 -22.21
N ASN A 136 -18.03 8.19 -21.19
CA ASN A 136 -17.61 8.58 -19.86
C ASN A 136 -16.10 8.88 -19.81
N ILE A 137 -15.31 8.21 -20.67
CA ILE A 137 -13.86 8.37 -20.61
C ILE A 137 -13.44 9.65 -21.33
N LEU A 138 -13.65 9.67 -22.66
CA LEU A 138 -13.30 10.81 -23.50
C LEU A 138 -14.13 12.03 -23.10
N GLY A 139 -15.36 11.78 -22.64
CA GLY A 139 -16.24 12.84 -22.17
C GLY A 139 -15.91 13.32 -20.75
N HIS A 140 -14.96 12.65 -20.07
CA HIS A 140 -14.50 13.05 -18.74
C HIS A 140 -15.67 13.20 -17.76
N LYS A 141 -16.43 12.10 -17.58
CA LYS A 141 -17.60 12.10 -16.71
C LYS A 141 -17.32 11.24 -15.48
N LEU A 142 -16.05 10.89 -15.25
CA LEU A 142 -15.72 10.11 -14.06
C LEU A 142 -15.44 11.07 -12.90
N GLU A 143 -15.93 10.71 -11.71
CA GLU A 143 -15.55 11.40 -10.50
C GLU A 143 -14.06 11.20 -10.22
N TYR A 144 -13.47 12.21 -9.56
CA TYR A 144 -12.06 12.25 -9.21
C TYR A 144 -11.89 11.61 -7.83
N ASN A 145 -11.97 10.28 -7.81
CA ASN A 145 -11.90 9.47 -6.60
C ASN A 145 -11.62 8.03 -7.05
N TYR A 146 -11.57 7.14 -6.06
CA TYR A 146 -11.10 5.79 -6.31
C TYR A 146 -11.58 4.90 -5.18
N ASN A 147 -12.05 3.70 -5.55
CA ASN A 147 -12.55 2.75 -4.59
C ASN A 147 -11.43 1.81 -4.14
N SER A 148 -11.64 1.21 -2.97
CA SER A 148 -10.79 0.15 -2.44
C SER A 148 -11.15 -1.15 -3.14
N HIS A 149 -10.14 -1.91 -3.57
N HIS A 149 -10.13 -1.86 -3.60
CA HIS A 149 -10.32 -3.09 -4.39
CA HIS A 149 -10.33 -3.13 -4.28
C HIS A 149 -9.40 -4.19 -3.86
C HIS A 149 -9.51 -4.18 -3.56
N ASN A 150 -9.88 -5.44 -3.79
CA ASN A 150 -9.03 -6.58 -3.51
C ASN A 150 -8.77 -7.29 -4.82
N VAL A 151 -7.54 -7.78 -5.04
CA VAL A 151 -7.27 -8.53 -6.25
C VAL A 151 -6.67 -9.90 -5.90
N TYR A 152 -7.05 -10.92 -6.69
CA TYR A 152 -6.68 -12.30 -6.44
C TYR A 152 -5.52 -12.66 -7.36
N ILE A 153 -4.35 -12.91 -6.75
CA ILE A 153 -3.15 -13.18 -7.51
C ILE A 153 -3.05 -14.67 -7.71
N MET A 154 -2.83 -15.11 -8.96
CA MET A 154 -2.84 -16.52 -9.32
C MET A 154 -1.54 -16.90 -10.01
N ALA A 155 -0.94 -18.03 -9.66
CA ALA A 155 0.20 -18.54 -10.43
C ALA A 155 -0.28 -18.96 -11.81
N ASP A 156 0.56 -18.75 -12.84
CA ASP A 156 0.37 -19.34 -14.17
C ASP A 156 1.62 -20.13 -14.56
N LYS A 157 1.63 -21.42 -14.23
CA LYS A 157 2.77 -22.28 -14.53
C LYS A 157 3.15 -22.19 -16.02
N GLN A 158 2.20 -22.42 -16.91
CA GLN A 158 2.48 -22.54 -18.34
C GLN A 158 3.25 -21.33 -18.87
N LYS A 159 3.00 -20.14 -18.34
CA LYS A 159 3.63 -18.92 -18.84
C LYS A 159 4.73 -18.43 -17.89
N ASN A 160 5.04 -19.20 -16.84
CA ASN A 160 6.12 -18.88 -15.91
C ASN A 160 5.91 -17.49 -15.31
N GLY A 161 4.68 -17.20 -14.89
CA GLY A 161 4.38 -15.90 -14.30
C GLY A 161 3.17 -15.95 -13.39
N ILE A 162 2.43 -14.83 -13.33
CA ILE A 162 1.19 -14.80 -12.61
C ILE A 162 0.14 -14.14 -13.49
N LYS A 163 -1.12 -14.28 -13.10
CA LYS A 163 -2.20 -13.55 -13.77
C LYS A 163 -3.17 -12.98 -12.73
N VAL A 164 -3.85 -11.91 -13.14
CA VAL A 164 -4.86 -11.29 -12.30
C VAL A 164 -6.01 -10.84 -13.19
N ASN A 165 -7.22 -11.29 -12.86
N ASN A 165 -7.20 -11.43 -13.00
CA ASN A 165 -8.40 -10.85 -13.57
CA ASN A 165 -8.42 -10.84 -13.50
C ASN A 165 -9.32 -10.19 -12.55
C ASN A 165 -9.08 -10.08 -12.36
N PHE A 166 -9.50 -8.85 -12.63
CA PHE A 166 -10.29 -8.10 -11.65
C PHE A 166 -11.13 -6.99 -12.29
N LYS A 167 -12.16 -6.52 -11.58
CA LYS A 167 -13.03 -5.44 -12.03
C LYS A 167 -12.83 -4.20 -11.17
N ILE A 168 -12.59 -3.06 -11.82
CA ILE A 168 -12.56 -1.77 -11.16
C ILE A 168 -13.89 -1.08 -11.38
N ARG A 169 -14.47 -0.54 -10.30
CA ARG A 169 -15.68 0.28 -10.35
C ARG A 169 -15.27 1.75 -10.26
N HIS A 170 -15.49 2.48 -11.36
CA HIS A 170 -15.30 3.92 -11.40
C HIS A 170 -16.63 4.63 -11.23
N ASN A 171 -16.68 5.61 -10.33
CA ASN A 171 -17.90 6.35 -10.07
C ASN A 171 -18.12 7.40 -11.16
N ILE A 172 -19.37 7.52 -11.61
CA ILE A 172 -19.76 8.49 -12.61
C ILE A 172 -20.53 9.61 -11.91
N GLU A 173 -20.44 10.81 -12.49
CA GLU A 173 -21.05 12.05 -11.99
C GLU A 173 -22.44 11.84 -11.40
N ASP A 174 -23.30 11.09 -12.11
CA ASP A 174 -24.73 11.05 -11.82
C ASP A 174 -25.13 9.80 -11.03
N GLY A 175 -24.21 9.22 -10.24
CA GLY A 175 -24.55 8.15 -9.32
C GLY A 175 -24.28 6.76 -9.90
N SER A 176 -24.15 6.65 -11.23
CA SER A 176 -23.93 5.34 -11.82
C SER A 176 -22.45 5.01 -11.80
N VAL A 177 -22.10 3.82 -12.32
CA VAL A 177 -20.77 3.27 -12.21
C VAL A 177 -20.35 2.66 -13.55
N GLN A 178 -19.06 2.82 -13.85
CA GLN A 178 -18.45 2.36 -15.09
C GLN A 178 -17.45 1.26 -14.76
N LEU A 179 -17.72 0.04 -15.24
CA LEU A 179 -16.85 -1.09 -14.99
C LEU A 179 -15.71 -1.08 -15.99
N ALA A 180 -14.54 -1.48 -15.47
CA ALA A 180 -13.32 -1.70 -16.22
C ALA A 180 -12.77 -3.08 -15.89
N ASP A 181 -12.88 -4.04 -16.82
CA ASP A 181 -12.44 -5.41 -16.57
C ASP A 181 -10.97 -5.54 -16.93
N HIS A 182 -10.12 -5.79 -15.93
CA HIS A 182 -8.68 -5.86 -16.12
C HIS A 182 -8.26 -7.31 -16.29
N TYR A 183 -7.45 -7.58 -17.32
CA TYR A 183 -6.83 -8.88 -17.52
C TYR A 183 -5.31 -8.67 -17.57
N GLN A 184 -4.62 -9.18 -16.54
CA GLN A 184 -3.24 -8.83 -16.23
C GLN A 184 -2.39 -10.09 -16.31
N GLN A 185 -1.16 -9.93 -16.84
CA GLN A 185 -0.19 -11.02 -16.91
C GLN A 185 1.17 -10.45 -16.56
N ASN A 186 1.94 -11.16 -15.72
CA ASN A 186 3.24 -10.67 -15.29
C ASN A 186 4.25 -11.80 -15.48
N THR A 187 5.42 -11.43 -16.00
CA THR A 187 6.48 -12.37 -16.34
C THR A 187 7.80 -11.79 -15.86
N PRO A 188 8.71 -12.58 -15.25
CA PRO A 188 10.05 -12.09 -14.94
C PRO A 188 10.81 -11.73 -16.22
N ILE A 189 11.71 -10.74 -16.10
CA ILE A 189 12.68 -10.45 -17.14
C ILE A 189 13.90 -11.37 -17.03
N GLY A 190 14.33 -11.66 -15.79
CA GLY A 190 15.37 -12.66 -15.58
C GLY A 190 15.04 -14.01 -16.22
N ASP A 191 16.06 -14.84 -16.45
CA ASP A 191 15.85 -16.14 -17.10
C ASP A 191 16.12 -17.30 -16.14
N GLY A 192 16.36 -17.00 -14.86
CA GLY A 192 16.68 -18.04 -13.90
C GLY A 192 15.46 -18.78 -13.39
N PRO A 193 15.64 -19.80 -12.52
CA PRO A 193 14.51 -20.48 -11.88
C PRO A 193 13.84 -19.48 -10.95
N VAL A 194 12.52 -19.67 -10.77
CA VAL A 194 11.67 -18.70 -10.10
C VAL A 194 10.57 -19.45 -9.34
N LEU A 195 10.31 -18.96 -8.11
CA LEU A 195 9.21 -19.44 -7.30
C LEU A 195 7.94 -18.70 -7.74
N LEU A 196 6.95 -19.46 -8.18
CA LEU A 196 5.64 -18.90 -8.45
C LEU A 196 4.86 -18.98 -7.15
N PRO A 197 4.11 -17.92 -6.80
CA PRO A 197 3.40 -17.86 -5.52
C PRO A 197 2.18 -18.76 -5.42
N ASP A 198 1.80 -19.14 -4.21
CA ASP A 198 0.46 -19.65 -3.97
C ASP A 198 -0.50 -18.48 -4.13
N ASN A 199 -1.73 -18.84 -4.51
CA ASN A 199 -2.76 -17.86 -4.77
C ASN A 199 -3.03 -17.10 -3.47
N HIS A 200 -3.26 -15.80 -3.60
CA HIS A 200 -3.51 -14.94 -2.45
C HIS A 200 -4.11 -13.64 -2.99
N TYR A 201 -4.35 -12.68 -2.08
CA TYR A 201 -5.02 -11.43 -2.40
C TYR A 201 -4.14 -10.23 -2.05
N LEU A 202 -4.27 -9.15 -2.83
CA LEU A 202 -3.78 -7.82 -2.48
C LEU A 202 -4.96 -6.90 -2.25
N SER A 203 -4.93 -6.16 -1.14
CA SER A 203 -5.96 -5.20 -0.78
C SER A 203 -5.38 -3.80 -0.93
N THR A 204 -6.03 -2.98 -1.75
CA THR A 204 -5.52 -1.66 -2.10
C THR A 204 -6.52 -0.61 -1.62
N GLN A 205 -6.03 0.42 -0.93
CA GLN A 205 -6.78 1.64 -0.69
C GLN A 205 -6.03 2.77 -1.36
N SER A 206 -6.77 3.75 -1.87
CA SER A 206 -6.25 4.77 -2.76
C SER A 206 -6.92 6.10 -2.40
N ALA A 207 -6.14 7.18 -2.38
CA ALA A 207 -6.66 8.53 -2.26
C ALA A 207 -6.04 9.43 -3.33
N LEU A 208 -6.92 10.13 -4.07
CA LEU A 208 -6.54 11.05 -5.14
C LEU A 208 -6.76 12.47 -4.65
N SER A 209 -5.81 13.35 -4.96
CA SER A 209 -5.88 14.76 -4.57
C SER A 209 -5.13 15.62 -5.60
N LYS A 210 -5.12 16.93 -5.36
CA LYS A 210 -4.39 17.87 -6.19
C LYS A 210 -3.37 18.59 -5.33
N ASP A 211 -2.26 19.01 -5.92
CA ASP A 211 -1.32 19.96 -5.33
C ASP A 211 -1.86 21.38 -5.56
N PRO A 212 -1.98 22.21 -4.49
CA PRO A 212 -2.48 23.58 -4.64
C PRO A 212 -1.65 24.48 -5.56
N ASN A 213 -0.36 24.14 -5.78
CA ASN A 213 0.60 25.02 -6.44
C ASN A 213 1.02 24.52 -7.82
N GLU A 214 0.23 23.63 -8.45
CA GLU A 214 0.63 23.00 -9.70
C GLU A 214 -0.32 23.43 -10.82
N LYS A 215 0.21 24.20 -11.79
CA LYS A 215 -0.55 24.70 -12.94
C LYS A 215 -0.92 23.55 -13.90
N ARG A 216 -0.06 22.54 -14.00
CA ARG A 216 -0.23 21.49 -15.00
C ARG A 216 -1.28 20.49 -14.54
N ASP A 217 -1.89 19.81 -15.52
CA ASP A 217 -2.79 18.70 -15.28
C ASP A 217 -1.97 17.60 -14.58
N HIS A 218 -2.39 17.23 -13.36
CA HIS A 218 -1.63 16.33 -12.51
C HIS A 218 -2.56 15.54 -11.59
N MET A 219 -1.99 14.51 -10.94
CA MET A 219 -2.68 13.75 -9.91
C MET A 219 -1.72 13.38 -8.78
N VAL A 220 -2.10 13.67 -7.53
CA VAL A 220 -1.39 13.19 -6.37
C VAL A 220 -2.11 11.91 -5.93
N LEU A 221 -1.35 10.83 -5.87
CA LEU A 221 -1.89 9.54 -5.53
C LEU A 221 -1.15 8.96 -4.33
N LEU A 222 -1.91 8.73 -3.26
CA LEU A 222 -1.45 7.99 -2.10
C LEU A 222 -2.16 6.64 -2.06
N GLU A 223 -1.42 5.57 -1.73
CA GLU A 223 -1.99 4.25 -1.63
C GLU A 223 -1.46 3.51 -0.43
N PHE A 224 -2.26 2.54 0.01
CA PHE A 224 -1.95 1.67 1.11
C PHE A 224 -2.37 0.26 0.70
N VAL A 225 -1.40 -0.66 0.71
CA VAL A 225 -1.55 -1.98 0.13
C VAL A 225 -0.97 -3.05 1.06
N THR A 226 -1.77 -4.08 1.35
CA THR A 226 -1.41 -5.25 2.14
C THR A 226 -1.84 -6.54 1.42
N ALA A 227 -1.04 -7.60 1.60
CA ALA A 227 -1.31 -8.93 1.09
C ALA A 227 -1.95 -9.78 2.19
N ALA A 228 -2.78 -10.75 1.81
CA ALA A 228 -3.41 -11.69 2.75
C ALA A 228 -3.73 -13.02 2.05
N GLY A 229 -4.01 -14.04 2.85
CA GLY A 229 -4.86 -15.13 2.39
C GLY A 229 -4.10 -16.44 2.29
N ILE A 230 -3.02 -16.56 3.10
CA ILE A 230 -2.25 -17.79 3.32
C ILE A 230 -1.99 -17.92 4.83
N SER B 2 7.50 19.61 8.83
CA SER B 2 8.18 20.87 8.47
C SER B 2 9.29 20.59 7.47
N ASP B 3 10.46 20.33 8.05
CA ASP B 3 11.77 20.66 7.53
C ASP B 3 12.75 19.96 8.49
N LEU B 4 12.76 20.42 9.75
CA LEU B 4 13.26 19.66 10.88
C LEU B 4 12.37 18.45 11.14
N GLY B 5 11.08 18.57 10.80
CA GLY B 5 10.09 17.49 10.86
C GLY B 5 10.35 16.39 9.84
N LYS B 6 10.73 16.76 8.61
CA LYS B 6 11.02 15.78 7.59
C LYS B 6 12.25 14.97 7.97
N LYS B 7 13.26 15.65 8.53
CA LYS B 7 14.50 15.01 8.96
C LYS B 7 14.16 13.95 10.01
N LEU B 8 13.21 14.29 10.86
CA LEU B 8 12.87 13.47 12.00
C LEU B 8 12.10 12.23 11.52
N LEU B 9 11.17 12.41 10.59
CA LEU B 9 10.41 11.30 10.03
C LEU B 9 11.37 10.29 9.41
N GLU B 10 12.39 10.77 8.70
CA GLU B 10 13.33 9.91 7.99
C GLU B 10 14.23 9.14 8.94
N ALA B 11 14.69 9.80 10.01
CA ALA B 11 15.62 9.21 10.95
C ALA B 11 14.91 8.16 11.77
N ALA B 12 13.65 8.44 12.08
CA ALA B 12 12.79 7.49 12.77
C ALA B 12 12.59 6.23 11.92
N ARG B 13 12.21 6.40 10.64
CA ARG B 13 11.96 5.28 9.75
C ARG B 13 13.26 4.51 9.48
N ALA B 14 14.38 5.22 9.41
CA ALA B 14 15.66 4.59 9.10
C ALA B 14 16.26 3.86 10.30
N GLY B 15 15.62 3.97 11.48
CA GLY B 15 16.15 3.44 12.74
C GLY B 15 17.49 4.04 13.19
N GLN B 16 17.70 5.34 12.96
CA GLN B 16 18.91 6.03 13.41
C GLN B 16 18.62 6.72 14.74
N ASP B 17 18.81 5.98 15.84
CA ASP B 17 18.43 6.38 17.18
C ASP B 17 19.15 7.66 17.62
N ASP B 18 20.45 7.76 17.34
CA ASP B 18 21.25 8.87 17.81
C ASP B 18 20.78 10.15 17.13
N GLU B 19 20.46 10.08 15.84
CA GLU B 19 19.94 11.22 15.10
C GLU B 19 18.63 11.72 15.67
N VAL B 20 17.77 10.79 16.08
CA VAL B 20 16.48 11.14 16.64
C VAL B 20 16.69 11.93 17.92
N ARG B 21 17.56 11.45 18.81
CA ARG B 21 17.85 12.12 20.08
C ARG B 21 18.38 13.53 19.83
N ILE B 22 19.29 13.65 18.87
CA ILE B 22 19.85 14.93 18.51
C ILE B 22 18.72 15.86 18.05
N LEU B 23 17.87 15.39 17.13
CA LEU B 23 16.83 16.25 16.60
C LEU B 23 15.87 16.66 17.72
N MET B 24 15.51 15.72 18.59
CA MET B 24 14.56 15.98 19.66
C MET B 24 15.07 17.07 20.63
N ALA B 25 16.35 16.97 21.06
CA ALA B 25 16.91 17.90 22.04
C ALA B 25 17.16 19.27 21.41
N ASN B 26 17.32 19.31 20.08
CA ASN B 26 17.41 20.56 19.31
C ASN B 26 16.02 21.06 18.91
N GLY B 27 14.94 20.48 19.50
CA GLY B 27 13.61 21.05 19.50
C GLY B 27 12.74 20.66 18.30
N ALA B 28 12.93 19.47 17.72
CA ALA B 28 12.15 19.05 16.56
C ALA B 28 10.69 18.77 16.94
N ASP B 29 9.77 18.94 15.98
CA ASP B 29 8.35 18.75 16.28
C ASP B 29 8.06 17.25 16.39
N VAL B 30 7.73 16.84 17.62
CA VAL B 30 7.51 15.42 17.90
C VAL B 30 6.29 14.88 17.14
N ASN B 31 5.33 15.76 16.80
CA ASN B 31 4.09 15.33 16.17
C ASN B 31 4.07 15.72 14.68
N ALA B 32 5.25 15.88 14.06
CA ALA B 32 5.34 16.08 12.62
C ALA B 32 4.68 14.90 11.90
N ASN B 33 4.17 15.16 10.69
CA ASN B 33 3.62 14.06 9.93
C ASN B 33 3.85 14.31 8.46
N ASP B 34 3.86 13.20 7.70
CA ASP B 34 3.95 13.24 6.25
C ASP B 34 2.52 13.33 5.70
N VAL B 35 2.41 13.25 4.38
CA VAL B 35 1.15 13.46 3.70
C VAL B 35 0.17 12.33 3.98
N HIS B 36 0.67 11.17 4.44
CA HIS B 36 -0.20 10.08 4.83
C HIS B 36 -0.67 10.23 6.28
N GLY B 37 -0.18 11.25 7.01
CA GLY B 37 -0.52 11.39 8.41
C GLY B 37 0.35 10.52 9.34
N SER B 38 1.40 9.88 8.79
CA SER B 38 2.32 9.07 9.57
C SER B 38 3.22 9.99 10.39
N THR B 39 3.30 9.71 11.70
CA THR B 39 4.11 10.47 12.62
C THR B 39 5.36 9.66 12.91
N PRO B 40 6.41 10.28 13.51
CA PRO B 40 7.62 9.53 13.85
C PRO B 40 7.32 8.31 14.73
N LEU B 41 6.30 8.42 15.59
CA LEU B 41 5.93 7.33 16.47
C LEU B 41 5.34 6.19 15.64
N HIS B 42 4.57 6.50 14.59
CA HIS B 42 4.10 5.44 13.72
C HIS B 42 5.30 4.66 13.17
N LEU B 43 6.34 5.39 12.78
CA LEU B 43 7.44 4.82 12.04
C LEU B 43 8.37 3.98 12.93
N ALA B 44 8.60 4.45 14.16
CA ALA B 44 9.43 3.74 15.13
C ALA B 44 8.72 2.50 15.65
N ALA B 45 7.40 2.59 15.82
CA ALA B 45 6.61 1.42 16.18
C ALA B 45 6.59 0.40 15.03
N LEU B 46 6.53 0.90 13.80
CA LEU B 46 6.52 0.04 12.62
C LEU B 46 7.76 -0.85 12.59
N ILE B 47 8.94 -0.23 12.70
CA ILE B 47 10.20 -0.96 12.59
C ILE B 47 10.63 -1.62 13.91
N GLY B 48 9.93 -1.36 15.03
CA GLY B 48 10.20 -2.04 16.28
C GLY B 48 11.40 -1.47 17.05
N HIS B 49 11.60 -0.15 17.00
CA HIS B 49 12.70 0.50 17.71
C HIS B 49 12.18 1.04 19.04
N LEU B 50 12.33 0.24 20.10
CA LEU B 50 11.67 0.49 21.38
C LEU B 50 12.23 1.74 22.06
N GLU B 51 13.54 1.87 21.99
CA GLU B 51 14.20 3.00 22.65
C GLU B 51 13.71 4.31 22.01
N ILE B 52 13.46 4.29 20.69
N ILE B 52 13.43 4.31 20.70
CA ILE B 52 12.99 5.47 19.99
CA ILE B 52 12.99 5.53 20.05
C ILE B 52 11.53 5.77 20.36
C ILE B 52 11.50 5.79 20.32
N VAL B 53 10.72 4.71 20.43
CA VAL B 53 9.34 4.86 20.81
C VAL B 53 9.28 5.58 22.16
N GLU B 54 10.17 5.20 23.08
CA GLU B 54 10.17 5.75 24.42
C GLU B 54 10.60 7.20 24.38
N VAL B 55 11.70 7.49 23.68
CA VAL B 55 12.17 8.85 23.59
C VAL B 55 11.02 9.73 23.10
N LEU B 56 10.32 9.30 22.05
CA LEU B 56 9.29 10.13 21.44
C LEU B 56 8.11 10.38 22.41
N LEU B 57 7.71 9.36 23.14
CA LEU B 57 6.68 9.48 24.15
C LEU B 57 7.09 10.49 25.24
N LYS B 58 8.33 10.40 25.70
CA LYS B 58 8.89 11.31 26.70
C LYS B 58 8.79 12.78 26.23
N TYR B 59 8.94 13.01 24.93
CA TYR B 59 8.97 14.36 24.37
C TYR B 59 7.59 14.82 23.88
N GLY B 60 6.52 14.05 24.19
CA GLY B 60 5.15 14.51 24.02
C GLY B 60 4.46 13.95 22.77
N ALA B 61 4.92 12.81 22.23
CA ALA B 61 4.30 12.22 21.04
C ALA B 61 2.86 11.80 21.39
N ASP B 62 1.94 12.06 20.43
CA ASP B 62 0.57 11.60 20.50
C ASP B 62 0.53 10.08 20.23
N VAL B 63 0.13 9.34 21.25
CA VAL B 63 0.07 7.88 21.19
C VAL B 63 -1.10 7.41 20.32
N ASN B 64 -2.06 8.30 20.05
CA ASN B 64 -3.24 7.94 19.27
C ASN B 64 -3.33 8.68 17.94
N ALA B 65 -2.20 9.18 17.43
CA ALA B 65 -2.16 9.76 16.10
C ALA B 65 -2.56 8.70 15.08
N THR B 66 -3.36 9.13 14.12
CA THR B 66 -3.97 8.25 13.14
C THR B 66 -3.52 8.70 11.77
N ASP B 67 -3.11 7.77 10.90
CA ASP B 67 -2.84 8.10 9.51
C ASP B 67 -4.19 8.15 8.78
N ILE B 68 -4.15 8.49 7.50
CA ILE B 68 -5.35 8.67 6.69
C ILE B 68 -5.98 7.31 6.40
N TRP B 69 -5.28 6.21 6.72
CA TRP B 69 -5.82 4.89 6.52
C TRP B 69 -6.43 4.35 7.80
N GLY B 70 -6.45 5.17 8.86
CA GLY B 70 -6.96 4.79 10.16
C GLY B 70 -5.97 4.05 11.05
N ASN B 71 -4.69 3.95 10.65
CA ASN B 71 -3.71 3.27 11.48
C ASN B 71 -3.19 4.19 12.56
N THR B 72 -3.24 3.70 13.80
CA THR B 72 -2.50 4.24 14.92
C THR B 72 -1.17 3.49 15.04
N PRO B 73 -0.20 3.99 15.82
CA PRO B 73 1.02 3.24 16.04
C PRO B 73 0.79 1.83 16.63
N LEU B 74 -0.22 1.67 17.48
CA LEU B 74 -0.57 0.34 17.99
C LEU B 74 -1.01 -0.60 16.87
N HIS B 75 -1.77 -0.11 15.90
CA HIS B 75 -2.12 -0.98 14.78
C HIS B 75 -0.84 -1.56 14.16
N LEU B 76 0.14 -0.68 13.89
CA LEU B 76 1.33 -1.07 13.17
C LEU B 76 2.21 -2.00 14.00
N ALA B 77 2.36 -1.70 15.29
CA ALA B 77 3.11 -2.56 16.18
C ALA B 77 2.47 -3.94 16.32
N ALA B 78 1.13 -3.98 16.49
CA ALA B 78 0.41 -5.25 16.62
C ALA B 78 0.52 -6.10 15.36
N ARG B 79 0.38 -5.44 14.20
CA ARG B 79 0.43 -6.13 12.92
C ARG B 79 1.81 -6.73 12.71
N ASP B 80 2.88 -6.03 13.16
CA ASP B 80 4.22 -6.41 12.79
C ASP B 80 4.87 -7.27 13.88
N GLY B 81 4.20 -7.44 15.02
CA GLY B 81 4.63 -8.43 16.00
C GLY B 81 5.63 -7.87 17.00
N HIS B 82 5.50 -6.57 17.35
CA HIS B 82 6.49 -5.93 18.21
C HIS B 82 5.89 -5.83 19.62
N LEU B 83 6.19 -6.85 20.44
CA LEU B 83 5.47 -7.04 21.69
C LEU B 83 5.78 -5.95 22.72
N GLU B 84 7.05 -5.64 22.95
CA GLU B 84 7.39 -4.65 23.95
C GLU B 84 6.83 -3.29 23.55
N ILE B 85 6.69 -3.03 22.24
CA ILE B 85 6.17 -1.74 21.79
C ILE B 85 4.66 -1.67 21.99
N VAL B 86 3.97 -2.78 21.73
CA VAL B 86 2.57 -2.90 22.09
C VAL B 86 2.38 -2.61 23.58
N GLU B 87 3.24 -3.15 24.43
CA GLU B 87 3.10 -3.00 25.88
C GLU B 87 3.23 -1.53 26.26
N VAL B 88 4.20 -0.82 25.66
CA VAL B 88 4.49 0.51 26.14
C VAL B 88 3.42 1.47 25.61
N LEU B 89 2.91 1.24 24.39
CA LEU B 89 1.90 2.12 23.84
C LEU B 89 0.66 2.00 24.70
N LEU B 90 0.27 0.78 25.06
CA LEU B 90 -0.91 0.58 25.88
C LEU B 90 -0.76 1.24 27.27
N LYS B 91 0.42 1.12 27.86
CA LYS B 91 0.65 1.63 29.20
C LYS B 91 0.52 3.15 29.20
N TYR B 92 0.88 3.77 28.08
CA TYR B 92 0.90 5.22 27.98
C TYR B 92 -0.29 5.72 27.14
N GLY B 93 -1.38 4.94 27.10
CA GLY B 93 -2.70 5.45 26.76
C GLY B 93 -3.21 5.09 25.37
N ALA B 94 -2.58 4.16 24.64
CA ALA B 94 -3.08 3.81 23.31
C ALA B 94 -4.50 3.26 23.39
N ASP B 95 -5.35 3.62 22.42
CA ASP B 95 -6.73 3.14 22.36
C ASP B 95 -6.69 1.75 21.74
N VAL B 96 -7.03 0.79 22.59
CA VAL B 96 -6.88 -0.62 22.33
C VAL B 96 -7.91 -1.04 21.26
N ASN B 97 -9.04 -0.31 21.20
CA ASN B 97 -10.14 -0.63 20.30
C ASN B 97 -10.26 0.35 19.13
N ALA B 98 -9.19 1.06 18.77
CA ALA B 98 -9.23 1.94 17.62
C ALA B 98 -9.44 1.10 16.34
N ASP B 99 -10.32 1.61 15.47
CA ASP B 99 -10.70 0.97 14.21
C ASP B 99 -9.99 1.66 13.04
N ASP B 100 -9.42 0.87 12.12
CA ASP B 100 -8.91 1.46 10.89
C ASP B 100 -10.08 1.63 9.89
N THR B 101 -9.80 1.81 8.60
CA THR B 101 -10.83 2.04 7.59
C THR B 101 -11.71 0.80 7.38
N TRP B 102 -11.12 -0.40 7.43
CA TRP B 102 -11.86 -1.64 7.23
C TRP B 102 -12.54 -2.11 8.53
N GLY B 103 -12.46 -1.31 9.59
CA GLY B 103 -13.04 -1.64 10.88
C GLY B 103 -12.16 -2.56 11.71
N SER B 104 -10.89 -2.74 11.27
CA SER B 104 -9.96 -3.63 11.94
C SER B 104 -9.39 -2.94 13.17
N THR B 105 -9.47 -3.63 14.31
CA THR B 105 -8.83 -3.16 15.53
C THR B 105 -7.47 -3.80 15.54
N PRO B 106 -6.58 -3.40 16.47
CA PRO B 106 -5.30 -4.06 16.62
C PRO B 106 -5.38 -5.55 16.90
N LEU B 107 -6.43 -5.97 17.62
CA LEU B 107 -6.68 -7.38 17.85
C LEU B 107 -6.90 -8.14 16.54
N HIS B 108 -7.64 -7.56 15.59
CA HIS B 108 -7.84 -8.20 14.30
C HIS B 108 -6.50 -8.38 13.58
N LEU B 109 -5.64 -7.35 13.60
CA LEU B 109 -4.42 -7.38 12.81
C LEU B 109 -3.46 -8.40 13.40
N ALA B 110 -3.42 -8.44 14.73
CA ALA B 110 -2.54 -9.34 15.44
C ALA B 110 -3.01 -10.77 15.26
N ALA B 111 -4.33 -10.98 15.26
CA ALA B 111 -4.88 -12.30 15.02
C ALA B 111 -4.60 -12.72 13.57
N MET B 112 -4.81 -11.83 12.61
CA MET B 112 -4.60 -12.20 11.22
C MET B 112 -3.15 -12.68 11.02
N ASP B 113 -2.19 -12.06 11.70
CA ASP B 113 -0.78 -12.38 11.48
C ASP B 113 -0.28 -13.46 12.46
N GLY B 114 -1.11 -13.93 13.39
CA GLY B 114 -0.77 -15.11 14.19
C GLY B 114 0.09 -14.77 15.42
N HIS B 115 -0.03 -13.56 15.96
CA HIS B 115 0.85 -13.07 17.01
C HIS B 115 0.20 -13.28 18.39
N LEU B 116 0.48 -14.45 19.01
CA LEU B 116 -0.24 -14.92 20.18
C LEU B 116 -0.01 -14.01 21.39
N GLU B 117 1.25 -13.64 21.66
CA GLU B 117 1.61 -12.94 22.89
C GLU B 117 1.02 -11.55 22.86
N ILE B 118 0.91 -10.99 21.65
CA ILE B 118 0.38 -9.66 21.46
C ILE B 118 -1.12 -9.71 21.70
N VAL B 119 -1.74 -10.77 21.19
CA VAL B 119 -3.16 -10.92 21.45
C VAL B 119 -3.42 -11.00 22.96
N GLU B 120 -2.57 -11.75 23.71
CA GLU B 120 -2.79 -11.89 25.14
C GLU B 120 -2.73 -10.53 25.84
N VAL B 121 -1.78 -9.70 25.43
CA VAL B 121 -1.60 -8.38 26.03
C VAL B 121 -2.77 -7.45 25.65
N LEU B 122 -3.21 -7.49 24.40
CA LEU B 122 -4.32 -6.65 23.98
C LEU B 122 -5.55 -7.01 24.79
N LEU B 123 -5.78 -8.30 25.03
CA LEU B 123 -6.95 -8.74 25.79
C LEU B 123 -6.85 -8.23 27.24
N LYS B 124 -5.67 -8.39 27.85
CA LYS B 124 -5.40 -7.86 29.18
C LYS B 124 -5.82 -6.39 29.27
N TYR B 125 -5.60 -5.61 28.21
CA TYR B 125 -5.92 -4.18 28.21
C TYR B 125 -7.34 -3.86 27.72
N GLY B 126 -8.23 -4.85 27.61
CA GLY B 126 -9.64 -4.60 27.35
C GLY B 126 -10.00 -4.61 25.85
N ALA B 127 -9.23 -5.33 25.02
CA ALA B 127 -9.58 -5.51 23.60
C ALA B 127 -10.91 -6.28 23.49
N ASP B 128 -11.78 -5.86 22.58
CA ASP B 128 -13.14 -6.38 22.45
C ASP B 128 -13.13 -7.59 21.51
N VAL B 129 -13.45 -8.77 22.05
CA VAL B 129 -13.44 -10.00 21.25
C VAL B 129 -14.68 -10.06 20.34
N ASN B 130 -15.69 -9.23 20.63
CA ASN B 130 -16.93 -9.22 19.88
C ASN B 130 -16.97 -8.10 18.84
N ALA B 131 -15.92 -7.29 18.71
CA ALA B 131 -15.93 -6.25 17.68
C ALA B 131 -15.78 -6.88 16.29
N GLN B 132 -16.68 -6.49 15.38
CA GLN B 132 -16.63 -6.94 14.00
C GLN B 132 -16.00 -5.88 13.10
N ASP B 133 -15.15 -6.34 12.17
CA ASP B 133 -14.72 -5.54 11.02
C ASP B 133 -15.86 -5.49 10.01
N LYS B 134 -15.60 -4.96 8.81
CA LYS B 134 -16.68 -4.65 7.87
C LYS B 134 -16.94 -5.78 6.89
N PHE B 135 -16.17 -6.87 6.96
CA PHE B 135 -16.60 -8.14 6.41
C PHE B 135 -17.37 -8.92 7.49
N GLY B 136 -17.64 -8.30 8.66
CA GLY B 136 -18.42 -8.90 9.74
C GLY B 136 -17.64 -9.91 10.57
N LYS B 137 -16.30 -9.84 10.53
CA LYS B 137 -15.45 -10.81 11.18
C LYS B 137 -14.91 -10.25 12.50
N THR B 138 -15.04 -11.05 13.56
CA THR B 138 -14.34 -10.81 14.81
C THR B 138 -12.95 -11.42 14.67
N ALA B 139 -12.09 -11.07 15.62
CA ALA B 139 -10.77 -11.67 15.66
C ALA B 139 -10.87 -13.18 15.78
N PHE B 140 -11.85 -13.67 16.56
CA PHE B 140 -12.05 -15.10 16.77
C PHE B 140 -12.36 -15.79 15.45
N ASP B 141 -13.33 -15.23 14.71
CA ASP B 141 -13.68 -15.74 13.39
C ASP B 141 -12.42 -15.81 12.52
N ILE B 142 -11.57 -14.77 12.56
CA ILE B 142 -10.34 -14.75 11.77
C ILE B 142 -9.42 -15.93 12.11
N SER B 143 -9.19 -16.15 13.41
CA SER B 143 -8.32 -17.23 13.86
C SER B 143 -8.85 -18.60 13.42
N ILE B 144 -10.18 -18.76 13.41
CA ILE B 144 -10.79 -19.98 12.89
C ILE B 144 -10.58 -20.11 11.38
N ASP B 145 -10.86 -19.04 10.61
CA ASP B 145 -10.55 -19.03 9.19
C ASP B 145 -9.11 -19.48 8.94
N ASN B 146 -8.15 -18.97 9.72
CA ASN B 146 -6.76 -19.34 9.54
C ASN B 146 -6.38 -20.67 10.20
N GLY B 147 -7.31 -21.35 10.89
CA GLY B 147 -6.99 -22.64 11.49
C GLY B 147 -6.02 -22.55 12.66
N ASN B 148 -6.15 -21.54 13.53
CA ASN B 148 -5.21 -21.35 14.62
C ASN B 148 -5.87 -21.64 15.97
N GLU B 149 -5.67 -22.88 16.43
CA GLU B 149 -6.21 -23.45 17.67
C GLU B 149 -5.90 -22.53 18.85
N ASP B 150 -4.66 -22.05 18.92
CA ASP B 150 -4.18 -21.38 20.12
C ASP B 150 -4.85 -20.02 20.27
N LEU B 151 -5.00 -19.32 19.15
CA LEU B 151 -5.70 -18.05 19.15
C LEU B 151 -7.20 -18.26 19.38
N ALA B 152 -7.77 -19.26 18.70
CA ALA B 152 -9.21 -19.52 18.85
C ALA B 152 -9.56 -19.72 20.32
N GLU B 153 -8.70 -20.44 21.04
CA GLU B 153 -8.95 -20.77 22.43
C GLU B 153 -9.00 -19.52 23.31
N ILE B 154 -8.17 -18.51 23.06
CA ILE B 154 -8.17 -17.35 23.95
C ILE B 154 -9.09 -16.24 23.42
N LEU B 155 -9.53 -16.34 22.17
CA LEU B 155 -10.38 -15.31 21.57
C LEU B 155 -11.88 -15.61 21.67
N GLN B 156 -12.26 -16.86 22.01
CA GLN B 156 -13.64 -17.32 21.85
C GLN B 156 -14.63 -16.24 22.29
C1 EDO C . -9.94 12.99 -13.89
O1 EDO C . -11.09 12.98 -13.02
C2 EDO C . -9.39 14.30 -14.28
O2 EDO C . -8.89 15.10 -13.19
C1 EDO D . -10.56 7.76 -1.87
O1 EDO D . -10.42 6.31 -1.71
C2 EDO D . -10.56 8.28 -3.30
O2 EDO D . -9.97 9.56 -3.51
BR BR E . 14.49 4.17 5.33
#